data_2RB4
#
_entry.id   2RB4
#
_cell.length_a   70.310
_cell.length_b   70.310
_cell.length_c   187.120
_cell.angle_alpha   90.00
_cell.angle_beta   90.00
_cell.angle_gamma   90.00
#
_symmetry.space_group_name_H-M   'P 43 21 2'
#
loop_
_entity.id
_entity.type
_entity.pdbx_description
1 polymer 'ATP-dependent RNA helicase DDX25'
2 non-polymer 'CHLORIDE ION'
3 non-polymer 'SULFATE ION'
4 non-polymer 'ZINC ION'
5 water water
#
_entity_poly.entity_id   1
_entity_poly.type   'polypeptide(L)'
_entity_poly.pdbx_seq_one_letter_code
;SMLTLNNIRQYYVLCEHRKDKYQALCNIYGSITIGQAIIFCQTRRNAKWLTVEMIQDGHQVSLLSGELTVEQRASIIQRF
RDGKEKVLITTNVCARGIDVKQVTIVVNFDLPVKQGEEPDYETYLHRIGRTGRFGKKGLAFNMIEVDELPSLMKIQDHFN
SSIKQLNAEDMDEIE
;
_entity_poly.pdbx_strand_id   A,B
#
loop_
_chem_comp.id
_chem_comp.type
_chem_comp.name
_chem_comp.formula
CL non-polymer 'CHLORIDE ION' 'Cl -1'
SO4 non-polymer 'SULFATE ION' 'O4 S -2'
ZN non-polymer 'ZINC ION' 'Zn 2'
#
# COMPACT_ATOMS: atom_id res chain seq x y z
N LEU A 3 12.21 -0.20 7.78
CA LEU A 3 11.63 0.20 9.09
C LEU A 3 10.54 -0.75 9.53
N THR A 4 10.08 -1.58 8.60
CA THR A 4 8.78 -2.26 8.68
C THR A 4 8.86 -3.79 8.85
N LEU A 5 8.85 -4.27 10.11
CA LEU A 5 8.95 -5.71 10.41
C LEU A 5 7.66 -6.34 11.00
N ASN A 6 7.76 -7.57 11.49
CA ASN A 6 6.67 -8.31 12.10
C ASN A 6 7.04 -8.78 13.51
N ASN A 7 7.14 -7.85 14.46
CA ASN A 7 7.38 -8.20 15.86
C ASN A 7 6.11 -7.97 16.72
N ILE A 8 5.08 -8.73 16.34
CA ILE A 8 3.69 -8.61 16.73
C ILE A 8 3.09 -10.01 16.85
N ARG A 9 2.09 -10.21 17.70
CA ARG A 9 1.39 -11.51 17.83
C ARG A 9 0.26 -11.70 16.79
N GLN A 10 0.40 -12.72 15.95
CA GLN A 10 -0.56 -12.99 14.89
C GLN A 10 -1.40 -14.23 15.18
N TYR A 11 -2.66 -14.15 14.81
CA TYR A 11 -3.60 -15.21 15.10
C TYR A 11 -4.53 -15.42 13.92
N TYR A 12 -5.10 -16.61 13.81
CA TYR A 12 -6.28 -16.77 12.97
C TYR A 12 -7.45 -17.41 13.71
N VAL A 13 -8.65 -17.11 13.21
CA VAL A 13 -9.88 -17.77 13.65
C VAL A 13 -10.58 -18.43 12.45
N LEU A 14 -10.96 -19.70 12.60
CA LEU A 14 -11.77 -20.37 11.59
C LEU A 14 -13.22 -19.94 11.70
N CYS A 15 -13.77 -19.38 10.61
CA CYS A 15 -15.14 -18.88 10.53
C CYS A 15 -15.89 -19.39 9.31
N GLU A 16 -17.07 -19.97 9.51
CA GLU A 16 -17.89 -20.47 8.40
C GLU A 16 -18.31 -19.39 7.37
N HIS A 17 -18.96 -18.32 7.84
CA HIS A 17 -19.34 -17.17 6.98
C HIS A 17 -19.17 -15.87 7.78
N ARG A 18 -19.42 -14.72 7.17
CA ARG A 18 -19.19 -13.44 7.83
C ARG A 18 -19.90 -13.25 9.18
N LYS A 19 -21.07 -13.88 9.30
CA LYS A 19 -21.81 -13.91 10.55
C LYS A 19 -20.90 -14.39 11.69
N ASP A 20 -20.14 -15.45 11.45
CA ASP A 20 -19.20 -16.01 12.44
C ASP A 20 -17.96 -15.15 12.66
N LYS A 21 -17.52 -14.48 11.59
CA LYS A 21 -16.38 -13.57 11.64
C LYS A 21 -16.65 -12.45 12.63
N TYR A 22 -17.83 -11.82 12.51
CA TYR A 22 -18.23 -10.76 13.43
C TYR A 22 -18.42 -11.26 14.87
N GLN A 23 -19.02 -12.45 14.99
CA GLN A 23 -19.24 -13.07 16.28
C GLN A 23 -17.91 -13.22 17.00
N ALA A 24 -16.89 -13.63 16.25
CA ALA A 24 -15.53 -13.80 16.77
C ALA A 24 -14.96 -12.45 17.16
N LEU A 25 -15.07 -11.50 16.25
CA LEU A 25 -14.63 -10.14 16.50
C LEU A 25 -15.26 -9.58 17.80
N CYS A 26 -16.53 -9.91 18.04
CA CYS A 26 -17.23 -9.49 19.27
C CYS A 26 -16.60 -10.13 20.49
N ASN A 27 -16.16 -11.37 20.32
CA ASN A 27 -15.53 -12.09 21.41
C ASN A 27 -14.17 -11.51 21.78
N ILE A 28 -13.44 -11.01 20.78
CA ILE A 28 -12.19 -10.29 21.04
C ILE A 28 -12.44 -9.03 21.86
N TYR A 29 -13.44 -8.26 21.47
CA TYR A 29 -13.83 -7.03 22.18
C TYR A 29 -14.21 -7.23 23.63
N GLY A 30 -14.83 -8.37 23.93
CA GLY A 30 -15.23 -8.70 25.29
C GLY A 30 -14.16 -9.51 25.99
N SER A 31 -12.93 -9.40 25.49
CA SER A 31 -11.82 -10.21 25.99
C SER A 31 -10.60 -9.37 26.37
N ILE A 32 -10.32 -8.30 25.61
CA ILE A 32 -9.23 -7.38 25.99
C ILE A 32 -9.48 -5.89 25.71
N THR A 33 -8.75 -5.05 26.43
CA THR A 33 -8.80 -3.59 26.27
C THR A 33 -8.42 -3.21 24.87
N ILE A 34 -9.25 -2.41 24.19
CA ILE A 34 -8.90 -2.03 22.82
C ILE A 34 -8.18 -0.69 22.70
N GLY A 35 -8.90 0.41 22.76
CA GLY A 35 -8.33 1.67 22.29
C GLY A 35 -8.70 1.78 20.82
N GLN A 36 -7.74 1.75 19.92
CA GLN A 36 -8.10 1.82 18.50
C GLN A 36 -7.79 0.56 17.71
N ALA A 37 -8.61 0.32 16.69
CA ALA A 37 -8.46 -0.81 15.78
C ALA A 37 -8.74 -0.47 14.32
N ILE A 38 -7.89 -0.98 13.43
CA ILE A 38 -8.19 -0.99 12.00
C ILE A 38 -8.69 -2.37 11.56
N ILE A 39 -9.73 -2.38 10.74
CA ILE A 39 -10.27 -3.64 10.20
C ILE A 39 -10.31 -3.61 8.68
N PHE A 40 -9.56 -4.51 8.04
CA PHE A 40 -9.47 -4.50 6.58
C PHE A 40 -10.40 -5.54 5.92
N CYS A 41 -11.18 -5.09 4.93
CA CYS A 41 -12.05 -5.98 4.17
C CYS A 41 -11.65 -5.99 2.71
N GLN A 42 -12.02 -7.06 2.00
CA GLN A 42 -11.71 -7.21 0.58
C GLN A 42 -12.67 -6.45 -0.31
N THR A 43 -13.92 -6.32 0.13
CA THR A 43 -14.95 -5.69 -0.70
C THR A 43 -15.71 -4.57 0.00
N ARG A 44 -16.18 -3.61 -0.80
CA ARG A 44 -17.10 -2.57 -0.34
C ARG A 44 -18.32 -3.19 0.38
N ARG A 45 -18.94 -4.18 -0.28
CA ARG A 45 -20.15 -4.83 0.23
C ARG A 45 -19.93 -5.36 1.63
N ASN A 46 -18.80 -6.03 1.85
CA ASN A 46 -18.50 -6.56 3.18
C ASN A 46 -18.17 -5.49 4.21
N ALA A 47 -17.47 -4.43 3.79
CA ALA A 47 -17.06 -3.37 4.67
C ALA A 47 -18.30 -2.66 5.18
N LYS A 48 -19.21 -2.38 4.25
CA LYS A 48 -20.49 -1.74 4.53
C LYS A 48 -21.29 -2.54 5.53
N TRP A 49 -21.31 -3.85 5.31
CA TRP A 49 -22.05 -4.77 6.16
C TRP A 49 -21.56 -4.75 7.62
N LEU A 50 -20.24 -4.83 7.80
CA LEU A 50 -19.61 -4.85 9.13
C LEU A 50 -19.84 -3.56 9.88
N THR A 51 -19.96 -2.46 9.12
CA THR A 51 -20.27 -1.14 9.66
C THR A 51 -21.64 -1.18 10.35
N VAL A 52 -22.67 -1.43 9.56
CA VAL A 52 -24.02 -1.64 10.07
C VAL A 52 -24.03 -2.58 11.28
N GLU A 53 -23.33 -3.70 11.19
CA GLU A 53 -23.23 -4.63 12.31
C GLU A 53 -22.74 -3.97 13.60
N MET A 54 -21.64 -3.22 13.51
CA MET A 54 -21.01 -2.64 14.69
C MET A 54 -21.75 -1.43 15.24
N ILE A 55 -22.43 -0.68 14.37
CA ILE A 55 -23.24 0.46 14.78
C ILE A 55 -24.40 -0.06 15.64
N GLN A 56 -24.89 -1.23 15.27
CA GLN A 56 -25.99 -1.90 15.96
C GLN A 56 -25.52 -2.51 17.27
N ASP A 57 -24.22 -2.42 17.51
CA ASP A 57 -23.62 -2.91 18.77
C ASP A 57 -22.87 -1.84 19.53
N GLY A 58 -23.11 -0.58 19.19
CA GLY A 58 -22.60 0.53 19.98
C GLY A 58 -21.26 1.11 19.62
N HIS A 59 -20.45 0.36 18.87
CA HIS A 59 -19.14 0.82 18.41
C HIS A 59 -19.26 2.10 17.59
N GLN A 60 -18.32 3.03 17.80
CA GLN A 60 -18.22 4.19 16.92
C GLN A 60 -17.23 3.87 15.79
N VAL A 61 -17.81 3.61 14.62
CA VAL A 61 -17.07 3.18 13.45
C VAL A 61 -17.08 4.27 12.41
N SER A 62 -15.95 4.42 11.75
CA SER A 62 -15.93 5.18 10.52
C SER A 62 -15.50 4.22 9.43
N LEU A 63 -15.92 4.49 8.20
CA LEU A 63 -15.69 3.58 7.09
C LEU A 63 -14.91 4.26 5.96
N LEU A 64 -13.78 3.67 5.59
CA LEU A 64 -13.01 4.11 4.42
C LEU A 64 -13.21 3.19 3.24
N SER A 65 -14.23 3.48 2.45
CA SER A 65 -14.52 2.75 1.23
C SER A 65 -13.91 3.55 0.09
N GLY A 66 -14.18 3.14 -1.15
CA GLY A 66 -13.70 3.88 -2.31
C GLY A 66 -14.73 4.87 -2.84
N GLU A 67 -15.93 4.81 -2.31
CA GLU A 67 -17.01 5.67 -2.80
C GLU A 67 -16.78 7.12 -2.39
N LEU A 68 -15.80 7.34 -1.52
CA LEU A 68 -15.58 8.63 -0.85
C LEU A 68 -14.82 9.65 -1.67
N THR A 69 -15.16 10.93 -1.48
CA THR A 69 -14.44 12.05 -2.08
C THR A 69 -13.20 12.38 -1.25
N VAL A 70 -12.28 13.12 -1.86
CA VAL A 70 -11.01 13.50 -1.22
C VAL A 70 -11.22 14.13 0.16
N GLU A 71 -12.22 15.00 0.27
CA GLU A 71 -12.49 15.73 1.50
C GLU A 71 -13.08 14.80 2.54
N GLN A 72 -13.90 13.86 2.08
CA GLN A 72 -14.55 12.90 2.97
C GLN A 72 -13.51 11.96 3.55
N ARG A 73 -12.54 11.58 2.72
CA ARG A 73 -11.43 10.73 3.14
C ARG A 73 -10.55 11.49 4.13
N ALA A 74 -10.32 12.76 3.83
CA ALA A 74 -9.53 13.62 4.69
C ALA A 74 -10.11 13.68 6.09
N SER A 75 -11.41 13.94 6.16
CA SER A 75 -12.13 14.08 7.42
C SER A 75 -12.13 12.80 8.26
N ILE A 76 -12.45 11.67 7.63
CA ILE A 76 -12.40 10.36 8.28
C ILE A 76 -11.03 10.10 8.88
N ILE A 77 -9.98 10.32 8.09
CA ILE A 77 -8.63 9.92 8.47
C ILE A 77 -8.13 10.82 9.57
N GLN A 78 -8.31 12.12 9.39
CA GLN A 78 -7.89 13.06 10.41
C GLN A 78 -8.54 12.74 11.76
N ARG A 79 -9.85 12.54 11.76
CA ARG A 79 -10.59 12.24 12.98
C ARG A 79 -10.16 10.95 13.69
N PHE A 80 -9.85 9.91 12.91
CA PHE A 80 -9.39 8.65 13.46
C PHE A 80 -8.01 8.82 14.11
N ARG A 81 -7.14 9.58 13.45
CA ARG A 81 -5.78 9.85 13.96
C ARG A 81 -5.84 10.51 15.35
N ASP A 82 -6.57 11.61 15.46
CA ASP A 82 -6.68 12.25 16.75
C ASP A 82 -7.82 11.67 17.61
N GLY A 83 -8.11 10.40 17.40
CA GLY A 83 -8.91 9.61 18.35
C GLY A 83 -10.42 9.80 18.45
N LYS A 84 -11.03 10.47 17.48
CA LYS A 84 -12.48 10.72 17.49
C LYS A 84 -13.30 9.53 17.02
N GLU A 85 -12.64 8.54 16.45
CA GLU A 85 -13.26 7.26 16.11
C GLU A 85 -12.42 6.18 16.75
N LYS A 86 -13.01 5.01 17.01
CA LYS A 86 -12.26 3.90 17.62
C LYS A 86 -12.00 2.76 16.64
N VAL A 87 -12.99 2.47 15.80
CA VAL A 87 -12.85 1.43 14.81
C VAL A 87 -12.86 2.07 13.45
N LEU A 88 -11.83 1.79 12.65
CA LEU A 88 -11.81 2.20 11.26
C LEU A 88 -11.90 0.99 10.39
N ILE A 89 -13.01 0.85 9.69
CA ILE A 89 -13.15 -0.22 8.71
C ILE A 89 -12.78 0.33 7.33
N THR A 90 -11.89 -0.37 6.65
CA THR A 90 -11.43 0.10 5.35
C THR A 90 -11.30 -1.03 4.32
N THR A 91 -11.36 -0.67 3.03
CA THR A 91 -11.03 -1.59 1.95
C THR A 91 -9.62 -1.34 1.44
N ASN A 92 -9.00 -0.24 1.91
CA ASN A 92 -7.62 0.08 1.62
C ASN A 92 -6.67 -1.12 1.71
N VAL A 93 -5.80 -1.26 0.72
CA VAL A 93 -4.90 -2.37 0.74
C VAL A 93 -3.80 -2.16 1.76
N CYS A 94 -3.69 -0.92 2.27
CA CYS A 94 -2.58 -0.55 3.15
C CYS A 94 -2.82 0.53 4.23
N ALA A 95 -2.19 0.28 5.38
CA ALA A 95 -2.33 1.12 6.56
C ALA A 95 -1.71 2.55 6.51
N ARG A 96 -0.84 2.84 5.53
CA ARG A 96 -0.14 4.14 5.46
C ARG A 96 -1.07 5.32 5.69
N GLY A 97 -0.68 6.24 6.57
CA GLY A 97 -1.48 7.41 6.89
C GLY A 97 -2.40 7.23 8.09
N ILE A 98 -2.82 6.00 8.34
CA ILE A 98 -3.79 5.72 9.39
C ILE A 98 -3.19 5.03 10.63
N ASP A 99 -2.21 4.16 10.42
CA ASP A 99 -1.63 3.36 11.51
C ASP A 99 -0.89 4.23 12.54
N VAL A 100 -1.66 4.94 13.36
CA VAL A 100 -1.14 5.75 14.45
C VAL A 100 -0.74 4.86 15.64
N LYS A 101 -0.11 5.46 16.65
CA LYS A 101 0.38 4.70 17.79
C LYS A 101 -0.75 4.11 18.65
N GLN A 102 -1.93 4.73 18.57
CA GLN A 102 -3.07 4.38 19.41
C GLN A 102 -3.78 3.08 19.00
N VAL A 103 -3.42 2.56 17.83
CA VAL A 103 -4.00 1.33 17.31
C VAL A 103 -3.33 0.15 17.98
N THR A 104 -4.08 -0.62 18.77
CA THR A 104 -3.55 -1.86 19.36
C THR A 104 -3.84 -3.07 18.46
N ILE A 105 -5.07 -3.12 17.93
CA ILE A 105 -5.54 -4.29 17.17
C ILE A 105 -5.58 -4.01 15.68
N VAL A 106 -5.20 -5.00 14.87
CA VAL A 106 -5.55 -4.99 13.45
C VAL A 106 -6.22 -6.31 13.02
N VAL A 107 -7.33 -6.19 12.33
CA VAL A 107 -8.05 -7.37 11.89
C VAL A 107 -8.19 -7.43 10.38
N ASN A 108 -7.66 -8.50 9.78
CA ASN A 108 -7.92 -8.82 8.38
C ASN A 108 -9.26 -9.54 8.33
N PHE A 109 -10.31 -8.79 8.07
CA PHE A 109 -11.62 -9.38 8.07
C PHE A 109 -11.73 -10.30 6.85
N ASP A 110 -10.97 -9.97 5.82
CA ASP A 110 -10.79 -10.82 4.65
C ASP A 110 -9.30 -10.99 4.43
N LEU A 111 -8.84 -12.21 4.16
CA LEU A 111 -7.41 -12.40 3.92
C LEU A 111 -7.05 -11.74 2.59
N PRO A 112 -6.00 -10.90 2.59
CA PRO A 112 -5.57 -10.24 1.34
C PRO A 112 -5.09 -11.21 0.26
N VAL A 113 -6.00 -11.65 -0.61
CA VAL A 113 -5.70 -12.71 -1.59
C VAL A 113 -5.30 -12.20 -2.99
N GLY A 116 -4.48 -13.30 -9.16
CA GLY A 116 -5.53 -14.31 -9.37
C GLY A 116 -5.81 -15.14 -8.14
N GLU A 117 -4.83 -15.91 -7.71
CA GLU A 117 -5.01 -16.82 -6.56
C GLU A 117 -4.06 -16.52 -5.39
N GLU A 118 -2.79 -16.26 -5.71
CA GLU A 118 -1.72 -16.03 -4.73
C GLU A 118 -2.04 -14.96 -3.67
N PRO A 119 -1.69 -15.20 -2.39
CA PRO A 119 -1.87 -14.17 -1.37
C PRO A 119 -0.89 -13.01 -1.56
N ASP A 120 -1.32 -11.80 -1.17
CA ASP A 120 -0.51 -10.58 -1.34
C ASP A 120 0.35 -10.28 -0.12
N TYR A 121 1.62 -10.68 -0.20
CA TYR A 121 2.53 -10.60 0.94
C TYR A 121 2.80 -9.18 1.42
N GLU A 122 3.03 -8.27 0.48
CA GLU A 122 3.29 -6.87 0.86
C GLU A 122 2.02 -6.20 1.39
N THR A 123 0.87 -6.48 0.79
CA THR A 123 -0.40 -6.02 1.36
C THR A 123 -0.52 -6.48 2.82
N TYR A 124 -0.35 -7.79 3.02
CA TYR A 124 -0.41 -8.34 4.36
C TYR A 124 0.57 -7.62 5.30
N LEU A 125 1.78 -7.37 4.80
CA LEU A 125 2.83 -6.72 5.61
C LEU A 125 2.52 -5.26 5.87
N HIS A 126 2.01 -4.56 4.87
CA HIS A 126 1.68 -3.16 5.00
C HIS A 126 0.51 -2.96 5.95
N ARG A 127 -0.37 -3.95 6.00
CA ARG A 127 -1.52 -3.83 6.83
C ARG A 127 -1.13 -3.98 8.28
N ILE A 128 -0.23 -4.92 8.53
CA ILE A 128 -0.09 -5.52 9.85
C ILE A 128 1.21 -5.16 10.53
N GLY A 129 2.29 -5.09 9.77
CA GLY A 129 3.57 -4.70 10.32
C GLY A 129 3.47 -3.26 10.73
N ARG A 130 4.38 -2.82 11.60
CA ARG A 130 4.42 -1.44 12.03
C ARG A 130 5.73 -0.82 11.51
N THR A 131 5.86 0.51 11.63
CA THR A 131 7.10 1.23 11.22
C THR A 131 7.72 2.01 12.37
N LYS A 136 5.50 -3.38 24.15
CA LYS A 136 5.58 -2.69 22.88
C LYS A 136 5.22 -3.66 21.76
N LYS A 137 4.06 -4.29 21.89
CA LYS A 137 3.69 -5.54 21.22
C LYS A 137 2.33 -5.41 20.55
N GLY A 138 2.27 -5.63 19.24
CA GLY A 138 1.02 -5.50 18.48
C GLY A 138 0.17 -6.75 18.46
N LEU A 139 -1.07 -6.63 18.03
CA LEU A 139 -1.94 -7.80 17.89
C LEU A 139 -2.60 -7.77 16.53
N ALA A 140 -2.58 -8.92 15.84
CA ALA A 140 -3.25 -9.03 14.54
C ALA A 140 -4.02 -10.33 14.38
N PHE A 141 -5.22 -10.21 13.82
CA PHE A 141 -6.13 -11.36 13.69
C PHE A 141 -6.54 -11.55 12.24
N ASN A 142 -6.56 -12.81 11.82
CA ASN A 142 -7.03 -13.14 10.48
C ASN A 142 -8.33 -13.92 10.56
N MET A 143 -9.40 -13.36 9.99
CA MET A 143 -10.68 -14.06 9.96
C MET A 143 -10.77 -14.87 8.67
N ILE A 144 -10.82 -16.19 8.83
CA ILE A 144 -10.56 -17.12 7.75
C ILE A 144 -11.62 -18.20 7.72
N GLU A 145 -12.16 -18.47 6.53
CA GLU A 145 -12.98 -19.65 6.33
C GLU A 145 -12.06 -20.83 6.07
N VAL A 146 -12.49 -22.03 6.49
CA VAL A 146 -11.62 -23.20 6.51
C VAL A 146 -10.63 -23.27 5.33
N ASP A 147 -11.14 -23.13 4.12
CA ASP A 147 -10.35 -23.34 2.90
C ASP A 147 -9.50 -22.13 2.45
N GLU A 148 -9.25 -21.21 3.35
CA GLU A 148 -8.25 -20.19 3.08
C GLU A 148 -6.94 -20.56 3.78
N LEU A 149 -6.97 -21.63 4.56
CA LEU A 149 -5.80 -22.09 5.30
C LEU A 149 -4.55 -22.28 4.42
N PRO A 150 -4.68 -22.91 3.24
CA PRO A 150 -3.53 -23.00 2.35
C PRO A 150 -2.83 -21.65 2.09
N SER A 151 -3.60 -20.60 1.83
CA SER A 151 -3.00 -19.30 1.61
C SER A 151 -2.30 -18.82 2.88
N LEU A 152 -2.95 -19.01 4.02
CA LEU A 152 -2.42 -18.53 5.27
C LEU A 152 -1.15 -19.28 5.59
N MET A 153 -1.12 -20.55 5.24
CA MET A 153 0.07 -21.36 5.45
C MET A 153 1.24 -20.76 4.67
N LYS A 154 0.95 -20.26 3.47
CA LYS A 154 2.00 -19.68 2.63
C LYS A 154 2.45 -18.36 3.23
N ILE A 155 1.49 -17.58 3.72
CA ILE A 155 1.80 -16.28 4.28
C ILE A 155 2.76 -16.49 5.43
N GLN A 156 2.56 -17.56 6.18
CA GLN A 156 3.39 -17.86 7.33
C GLN A 156 4.79 -18.32 6.95
N ASP A 157 4.88 -19.21 5.96
CA ASP A 157 6.19 -19.65 5.47
C ASP A 157 6.96 -18.47 4.93
N HIS A 158 6.25 -17.58 4.24
CA HIS A 158 6.89 -16.46 3.60
C HIS A 158 7.58 -15.55 4.60
N PHE A 159 6.95 -15.34 5.75
CA PHE A 159 7.48 -14.43 6.76
C PHE A 159 8.27 -15.11 7.89
N ASN A 160 8.34 -16.44 7.84
CA ASN A 160 8.85 -17.25 8.94
C ASN A 160 8.43 -16.72 10.29
N SER A 161 7.16 -16.37 10.40
CA SER A 161 6.61 -16.01 11.68
C SER A 161 5.29 -16.74 11.77
N SER A 162 5.08 -17.39 12.92
CA SER A 162 3.95 -18.28 13.13
C SER A 162 2.69 -17.51 13.42
N ILE A 163 1.60 -17.89 12.76
CA ILE A 163 0.28 -17.32 13.00
C ILE A 163 -0.52 -18.34 13.80
N LYS A 164 -0.73 -18.07 15.09
CA LYS A 164 -1.38 -19.06 15.97
C LYS A 164 -2.91 -19.11 15.81
N GLN A 165 -3.51 -20.20 16.26
CA GLN A 165 -4.96 -20.36 16.10
C GLN A 165 -5.79 -20.10 17.36
N LEU A 166 -6.94 -19.47 17.17
CA LEU A 166 -7.91 -19.26 18.24
C LEU A 166 -9.33 -19.72 17.86
N ASN A 167 -10.16 -19.96 18.88
CA ASN A 167 -11.58 -20.21 18.66
C ASN A 167 -12.44 -19.24 19.47
N ALA A 168 -13.75 -19.51 19.53
CA ALA A 168 -14.69 -18.84 20.44
C ALA A 168 -14.34 -19.08 21.92
N GLU A 169 -13.14 -18.63 22.29
CA GLU A 169 -12.55 -18.78 23.62
C GLU A 169 -11.16 -18.12 23.57
N ASP A 170 -11.11 -16.84 23.97
CA ASP A 170 -9.88 -16.05 23.85
C ASP A 170 -9.08 -16.03 25.15
N MET A 171 -7.78 -16.37 25.01
CA MET A 171 -6.86 -16.41 26.14
C MET A 171 -5.49 -15.82 25.78
N ASP A 172 -5.13 -14.73 26.48
CA ASP A 172 -3.80 -14.09 26.37
C ASP A 172 -3.62 -12.88 27.31
N LEU B 3 -2.51 12.64 6.76
CA LEU B 3 -1.13 13.18 6.70
C LEU B 3 -0.68 13.26 5.25
N THR B 4 -1.46 12.65 4.37
CA THR B 4 -0.98 12.27 3.02
C THR B 4 -1.68 13.00 1.85
N LEU B 5 -1.11 14.14 1.42
CA LEU B 5 -1.70 14.94 0.34
C LEU B 5 -0.88 14.95 -0.95
N ASN B 6 -1.22 15.84 -1.88
CA ASN B 6 -0.56 15.98 -3.17
C ASN B 6 -0.05 17.41 -3.41
N ASN B 7 0.96 17.83 -2.65
CA ASN B 7 1.53 19.18 -2.83
C ASN B 7 2.93 19.13 -3.47
N ILE B 8 2.94 18.59 -4.69
CA ILE B 8 4.11 18.14 -5.43
C ILE B 8 3.82 18.17 -6.96
N ARG B 9 4.76 18.67 -7.77
CA ARG B 9 4.54 18.85 -9.22
C ARG B 9 4.45 17.53 -10.03
N GLN B 10 3.28 17.29 -10.66
CA GLN B 10 3.06 16.05 -11.43
C GLN B 10 3.10 16.29 -12.93
N TYR B 11 3.60 15.29 -13.66
CA TYR B 11 3.86 15.40 -15.09
C TYR B 11 3.56 14.09 -15.81
N TYR B 12 3.25 14.15 -17.09
CA TYR B 12 3.26 12.92 -17.87
C TYR B 12 4.08 13.06 -19.15
N VAL B 13 4.63 11.94 -19.62
CA VAL B 13 5.30 11.91 -20.91
C VAL B 13 4.65 10.88 -21.81
N LEU B 14 4.35 11.27 -23.04
CA LEU B 14 3.84 10.33 -24.02
C LEU B 14 4.97 9.48 -24.60
N CYS B 15 4.85 8.15 -24.45
CA CYS B 15 5.89 7.21 -24.90
C CYS B 15 5.30 6.02 -25.67
N GLU B 16 5.83 5.79 -26.87
CA GLU B 16 5.35 4.69 -27.73
C GLU B 16 5.49 3.27 -27.14
N HIS B 17 6.70 2.91 -26.72
CA HIS B 17 6.93 1.65 -25.99
C HIS B 17 7.97 1.88 -24.88
N ARG B 18 8.32 0.85 -24.14
CA ARG B 18 9.24 1.01 -23.01
C ARG B 18 10.60 1.59 -23.39
N LYS B 19 11.00 1.35 -24.62
CA LYS B 19 12.24 1.91 -25.15
C LYS B 19 12.20 3.44 -25.01
N ASP B 20 11.07 4.04 -25.40
CA ASP B 20 10.86 5.49 -25.29
C ASP B 20 10.69 5.97 -23.84
N LYS B 21 10.10 5.12 -23.00
CA LYS B 21 9.96 5.42 -21.57
C LYS B 21 11.32 5.62 -20.94
N TYR B 22 12.25 4.69 -21.20
CA TYR B 22 13.59 4.79 -20.65
C TYR B 22 14.36 5.97 -21.24
N GLN B 23 14.19 6.21 -22.54
CA GLN B 23 14.82 7.34 -23.21
C GLN B 23 14.44 8.65 -22.52
N ALA B 24 13.16 8.79 -22.21
CA ALA B 24 12.64 9.94 -21.48
C ALA B 24 13.28 10.02 -20.08
N LEU B 25 13.27 8.90 -19.38
CA LEU B 25 13.82 8.85 -18.04
C LEU B 25 15.26 9.34 -18.02
N CYS B 26 15.99 8.99 -19.07
CA CYS B 26 17.37 9.41 -19.25
C CYS B 26 17.44 10.91 -19.41
N ASN B 27 16.50 11.45 -20.17
CA ASN B 27 16.46 12.89 -20.39
C ASN B 27 16.20 13.66 -19.09
N ILE B 28 15.37 13.10 -18.21
CA ILE B 28 15.15 13.67 -16.89
C ILE B 28 16.47 13.73 -16.11
N TYR B 29 17.21 12.63 -16.14
CA TYR B 29 18.48 12.50 -15.43
C TYR B 29 19.53 13.48 -15.89
N GLY B 30 19.51 13.78 -17.19
CA GLY B 30 20.42 14.75 -17.78
C GLY B 30 19.83 16.15 -17.77
N SER B 31 18.85 16.37 -16.92
CA SER B 31 18.14 17.64 -16.87
C SER B 31 18.10 18.27 -15.47
N ILE B 32 18.01 17.45 -14.42
CA ILE B 32 18.08 17.98 -13.06
C ILE B 32 18.81 17.08 -12.03
N THR B 33 19.29 17.71 -10.96
CA THR B 33 19.89 17.02 -9.80
C THR B 33 18.92 16.00 -9.22
N ILE B 34 19.38 14.77 -9.04
CA ILE B 34 18.49 13.73 -8.49
C ILE B 34 18.62 13.51 -6.97
N GLY B 35 19.70 12.90 -6.52
CA GLY B 35 19.71 12.38 -5.17
C GLY B 35 19.09 11.00 -5.22
N GLN B 36 17.91 10.81 -4.65
CA GLN B 36 17.24 9.50 -4.71
C GLN B 36 15.88 9.52 -5.43
N ALA B 37 15.55 8.37 -6.05
CA ALA B 37 14.33 8.21 -6.84
C ALA B 37 13.75 6.81 -6.70
N ILE B 38 12.43 6.74 -6.56
CA ILE B 38 11.71 5.46 -6.64
C ILE B 38 11.00 5.38 -7.98
N ILE B 39 11.05 4.19 -8.60
CA ILE B 39 10.43 4.00 -9.89
C ILE B 39 9.49 2.79 -9.80
N PHE B 40 8.20 2.99 -10.08
CA PHE B 40 7.23 1.92 -9.91
C PHE B 40 6.81 1.30 -11.23
N CYS B 41 6.82 -0.03 -11.29
CA CYS B 41 6.42 -0.74 -12.49
C CYS B 41 5.26 -1.67 -12.20
N GLN B 42 4.48 -1.99 -13.22
CA GLN B 42 3.35 -2.89 -13.07
C GLN B 42 3.77 -4.37 -12.97
N THR B 43 4.83 -4.75 -13.67
CA THR B 43 5.19 -6.17 -13.79
C THR B 43 6.64 -6.46 -13.41
N ARG B 44 6.89 -7.66 -12.89
CA ARG B 44 8.24 -8.17 -12.70
C ARG B 44 9.11 -8.05 -13.96
N ARG B 45 8.55 -8.48 -15.10
CA ARG B 45 9.24 -8.45 -16.40
C ARG B 45 9.74 -7.04 -16.75
N ASN B 46 8.88 -6.05 -16.53
CA ASN B 46 9.23 -4.66 -16.84
C ASN B 46 10.26 -4.11 -15.89
N ALA B 47 10.12 -4.45 -14.61
CA ALA B 47 11.03 -3.96 -13.58
C ALA B 47 12.43 -4.51 -13.81
N LYS B 48 12.51 -5.80 -14.13
CA LYS B 48 13.76 -6.48 -14.43
C LYS B 48 14.44 -5.79 -15.60
N TRP B 49 13.63 -5.47 -16.61
CA TRP B 49 14.12 -4.89 -17.84
C TRP B 49 14.79 -3.55 -17.62
N LEU B 50 14.07 -2.67 -16.92
CA LEU B 50 14.58 -1.33 -16.58
C LEU B 50 15.89 -1.38 -15.76
N THR B 51 16.03 -2.40 -14.92
CA THR B 51 17.22 -2.60 -14.14
C THR B 51 18.39 -2.79 -15.09
N VAL B 52 18.34 -3.86 -15.88
CA VAL B 52 19.32 -4.14 -16.91
C VAL B 52 19.63 -2.86 -17.69
N GLU B 53 18.60 -2.14 -18.07
CA GLU B 53 18.80 -0.89 -18.80
C GLU B 53 19.72 0.08 -18.05
N MET B 54 19.40 0.36 -16.80
CA MET B 54 20.12 1.37 -16.03
C MET B 54 21.54 0.95 -15.61
N ILE B 55 21.73 -0.34 -15.39
CA ILE B 55 23.03 -0.87 -15.01
C ILE B 55 23.99 -0.67 -16.18
N GLN B 56 23.46 -0.76 -17.39
CA GLN B 56 24.23 -0.54 -18.59
C GLN B 56 24.47 0.93 -18.86
N ASP B 57 24.03 1.78 -17.96
CA ASP B 57 24.23 3.21 -18.10
C ASP B 57 24.84 3.81 -16.84
N GLY B 58 25.32 2.96 -15.94
CA GLY B 58 26.09 3.42 -14.80
C GLY B 58 25.35 3.68 -13.51
N HIS B 59 24.01 3.75 -13.56
CA HIS B 59 23.19 4.00 -12.37
C HIS B 59 23.31 2.87 -11.37
N GLN B 60 23.30 3.21 -10.09
CA GLN B 60 23.25 2.17 -9.05
C GLN B 60 21.81 1.90 -8.66
N VAL B 61 21.34 0.75 -9.10
CA VAL B 61 19.98 0.39 -8.95
C VAL B 61 19.87 -0.83 -8.07
N SER B 62 18.86 -0.86 -7.22
CA SER B 62 18.49 -2.07 -6.56
C SER B 62 17.07 -2.30 -7.00
N LEU B 63 16.59 -3.54 -6.90
CA LEU B 63 15.28 -3.89 -7.40
C LEU B 63 14.45 -4.60 -6.34
N LEU B 64 13.27 -4.07 -6.06
CA LEU B 64 12.30 -4.73 -5.19
C LEU B 64 11.21 -5.42 -6.01
N SER B 65 11.50 -6.65 -6.41
CA SER B 65 10.51 -7.48 -7.11
C SER B 65 9.85 -8.36 -6.06
N GLY B 66 9.06 -9.32 -6.52
CA GLY B 66 8.35 -10.21 -5.60
C GLY B 66 9.11 -11.49 -5.39
N GLU B 67 10.15 -11.68 -6.20
CA GLU B 67 10.92 -12.92 -6.16
C GLU B 67 11.79 -13.04 -4.91
N LEU B 68 11.93 -11.94 -4.18
CA LEU B 68 12.83 -11.83 -3.03
C LEU B 68 12.33 -12.44 -1.72
N THR B 69 13.28 -12.89 -0.91
CA THR B 69 13.00 -13.37 0.44
C THR B 69 12.92 -12.20 1.41
N VAL B 70 12.37 -12.46 2.59
CA VAL B 70 12.23 -11.45 3.64
C VAL B 70 13.54 -10.71 3.91
N GLU B 71 14.63 -11.47 4.00
CA GLU B 71 15.95 -10.94 4.35
C GLU B 71 16.53 -10.13 3.21
N GLN B 72 16.29 -10.59 1.99
CA GLN B 72 16.74 -9.86 0.80
C GLN B 72 16.01 -8.52 0.66
N ARG B 73 14.69 -8.52 0.92
CA ARG B 73 13.90 -7.29 0.95
C ARG B 73 14.36 -6.30 2.03
N ALA B 74 14.61 -6.82 3.23
CA ALA B 74 15.16 -6.04 4.34
C ALA B 74 16.47 -5.33 3.95
N SER B 75 17.42 -6.10 3.42
CA SER B 75 18.71 -5.59 2.96
C SER B 75 18.59 -4.47 1.92
N ILE B 76 17.86 -4.72 0.84
CA ILE B 76 17.58 -3.70 -0.18
C ILE B 76 16.97 -2.43 0.44
N ILE B 77 15.93 -2.59 1.26
CA ILE B 77 15.21 -1.44 1.81
C ILE B 77 16.07 -0.66 2.79
N GLN B 78 16.74 -1.37 3.69
CA GLN B 78 17.63 -0.72 4.63
C GLN B 78 18.68 0.10 3.88
N ARG B 79 19.34 -0.50 2.89
CA ARG B 79 20.41 0.17 2.18
C ARG B 79 19.97 1.40 1.42
N PHE B 80 18.77 1.34 0.86
CA PHE B 80 18.19 2.47 0.13
C PHE B 80 17.87 3.63 1.07
N ARG B 81 17.32 3.30 2.24
CA ARG B 81 17.01 4.29 3.28
C ARG B 81 18.25 5.11 3.69
N ASP B 82 19.32 4.43 4.09
CA ASP B 82 20.56 5.13 4.45
C ASP B 82 21.48 5.38 3.24
N GLY B 83 20.86 5.53 2.07
CA GLY B 83 21.51 6.12 0.89
C GLY B 83 22.58 5.35 0.14
N LYS B 84 22.66 4.04 0.35
CA LYS B 84 23.62 3.20 -0.39
C LYS B 84 23.16 2.86 -1.83
N GLU B 85 21.90 3.12 -2.14
CA GLU B 85 21.40 2.98 -3.51
C GLU B 85 20.83 4.33 -3.86
N LYS B 86 20.73 4.63 -5.15
CA LYS B 86 20.14 5.89 -5.60
C LYS B 86 18.77 5.70 -6.27
N VAL B 87 18.67 4.64 -7.06
CA VAL B 87 17.45 4.32 -7.74
C VAL B 87 16.90 3.02 -7.20
N LEU B 88 15.67 3.05 -6.73
CA LEU B 88 15.00 1.85 -6.33
C LEU B 88 13.86 1.57 -7.29
N ILE B 89 14.01 0.49 -8.06
CA ILE B 89 12.94 0.03 -8.95
C ILE B 89 12.08 -1.03 -8.25
N THR B 90 10.77 -0.82 -8.21
CA THR B 90 9.89 -1.72 -7.47
C THR B 90 8.57 -2.02 -8.19
N THR B 91 7.98 -3.17 -7.85
CA THR B 91 6.65 -3.52 -8.33
C THR B 91 5.63 -3.25 -7.24
N ASN B 92 6.13 -3.00 -6.03
CA ASN B 92 5.31 -2.59 -4.91
C ASN B 92 4.23 -1.60 -5.28
N VAL B 93 3.05 -1.81 -4.72
CA VAL B 93 1.94 -0.93 -5.06
C VAL B 93 1.97 0.35 -4.25
N CYS B 94 2.82 0.42 -3.24
CA CYS B 94 2.90 1.60 -2.39
C CYS B 94 4.24 1.83 -1.67
N ALA B 95 4.58 3.11 -1.53
CA ALA B 95 5.86 3.62 -1.02
C ALA B 95 6.15 3.49 0.49
N ARG B 96 5.17 3.08 1.29
CA ARG B 96 5.42 2.89 2.72
C ARG B 96 6.73 2.13 3.00
N GLY B 97 7.53 2.67 3.92
CA GLY B 97 8.79 2.05 4.35
C GLY B 97 10.00 2.57 3.59
N ILE B 98 9.77 2.98 2.35
CA ILE B 98 10.86 3.35 1.46
C ILE B 98 10.95 4.84 1.19
N ASP B 99 9.82 5.54 1.18
CA ASP B 99 9.76 6.97 0.86
C ASP B 99 10.43 7.82 1.95
N VAL B 100 11.76 7.81 1.95
CA VAL B 100 12.56 8.62 2.87
C VAL B 100 12.65 10.07 2.37
N LYS B 101 13.20 10.96 3.19
CA LYS B 101 13.27 12.37 2.83
C LYS B 101 14.21 12.67 1.65
N GLN B 102 15.14 11.77 1.39
CA GLN B 102 16.15 11.95 0.34
C GLN B 102 15.61 11.72 -1.08
N VAL B 103 14.40 11.20 -1.17
CA VAL B 103 13.78 10.94 -2.46
C VAL B 103 13.23 12.24 -3.02
N THR B 104 13.79 12.69 -4.14
CA THR B 104 13.26 13.87 -4.83
C THR B 104 12.26 13.46 -5.93
N ILE B 105 12.58 12.42 -6.68
CA ILE B 105 11.84 12.02 -7.86
C ILE B 105 11.08 10.73 -7.63
N VAL B 106 9.84 10.66 -8.10
CA VAL B 106 9.15 9.38 -8.19
C VAL B 106 8.60 9.22 -9.58
N VAL B 107 8.81 8.04 -10.16
CA VAL B 107 8.33 7.79 -11.50
C VAL B 107 7.41 6.60 -11.52
N ASN B 108 6.16 6.80 -11.98
CA ASN B 108 5.32 5.67 -12.38
C ASN B 108 5.73 5.24 -13.78
N PHE B 109 6.57 4.21 -13.85
CA PHE B 109 7.03 3.73 -15.13
C PHE B 109 5.84 3.08 -15.85
N ASP B 110 4.92 2.54 -15.04
CA ASP B 110 3.63 2.06 -15.53
C ASP B 110 2.53 2.77 -14.74
N LEU B 111 1.50 3.22 -15.43
CA LEU B 111 0.35 3.81 -14.72
C LEU B 111 -0.39 2.74 -13.93
N PRO B 112 -0.59 2.97 -12.62
CA PRO B 112 -1.26 2.00 -11.78
C PRO B 112 -2.72 1.79 -12.21
N VAL B 113 -2.95 0.79 -13.04
CA VAL B 113 -4.28 0.56 -13.63
C VAL B 113 -5.12 -0.52 -12.92
N GLY B 116 -9.83 -4.42 -12.85
CA GLY B 116 -10.07 -4.69 -14.27
C GLY B 116 -9.54 -3.59 -15.17
N GLU B 117 -10.28 -2.48 -15.26
CA GLU B 117 -9.91 -1.37 -16.13
C GLU B 117 -9.57 -0.09 -15.38
N GLU B 118 -10.41 0.26 -14.39
CA GLU B 118 -10.29 1.48 -13.60
C GLU B 118 -8.86 1.71 -13.02
N PRO B 119 -8.37 2.97 -13.02
CA PRO B 119 -7.10 3.28 -12.38
C PRO B 119 -7.17 3.22 -10.86
N ASP B 120 -6.06 2.85 -10.22
CA ASP B 120 -6.04 2.72 -8.76
C ASP B 120 -5.64 4.01 -8.07
N TYR B 121 -6.63 4.74 -7.58
CA TYR B 121 -6.40 6.04 -6.99
C TYR B 121 -5.52 5.98 -5.74
N GLU B 122 -5.80 5.05 -4.83
CA GLU B 122 -5.01 4.97 -3.61
C GLU B 122 -3.59 4.48 -3.89
N THR B 123 -3.45 3.50 -4.78
CA THR B 123 -2.13 3.12 -5.24
C THR B 123 -1.37 4.35 -5.77
N TYR B 124 -1.99 5.09 -6.69
CA TYR B 124 -1.39 6.31 -7.20
C TYR B 124 -1.05 7.28 -6.08
N LEU B 125 -1.96 7.44 -5.12
CA LEU B 125 -1.72 8.34 -3.99
C LEU B 125 -0.62 7.83 -3.07
N HIS B 126 -0.69 6.54 -2.72
CA HIS B 126 0.27 5.87 -1.84
C HIS B 126 1.70 5.90 -2.39
N ARG B 127 1.80 5.98 -3.72
CA ARG B 127 3.05 6.01 -4.41
C ARG B 127 3.67 7.40 -4.38
N ILE B 128 2.84 8.41 -4.61
CA ILE B 128 3.29 9.69 -5.08
C ILE B 128 3.12 10.78 -4.04
N GLY B 129 2.05 10.70 -3.26
CA GLY B 129 1.89 11.65 -2.17
C GLY B 129 2.96 11.41 -1.13
N ARG B 130 3.19 12.41 -0.27
CA ARG B 130 4.13 12.28 0.82
C ARG B 130 3.34 12.34 2.14
N THR B 131 3.99 12.00 3.26
CA THR B 131 3.39 12.09 4.61
C THR B 131 4.14 13.02 5.56
N LYS B 137 9.11 20.65 -2.12
CA LYS B 137 8.35 20.47 -3.35
C LYS B 137 8.79 19.20 -4.05
N GLY B 138 7.88 18.24 -4.19
CA GLY B 138 8.23 16.96 -4.84
C GLY B 138 8.07 16.95 -6.36
N LEU B 139 8.60 15.92 -7.01
CA LEU B 139 8.42 15.74 -8.45
C LEU B 139 7.96 14.33 -8.77
N ALA B 140 6.93 14.23 -9.61
CA ALA B 140 6.40 12.94 -10.05
C ALA B 140 6.09 12.90 -11.55
N PHE B 141 6.52 11.80 -12.16
CA PHE B 141 6.41 11.62 -13.62
C PHE B 141 5.63 10.36 -13.94
N ASN B 142 4.72 10.47 -14.89
CA ASN B 142 3.99 9.31 -15.36
C ASN B 142 4.37 8.99 -16.80
N MET B 143 4.99 7.83 -17.00
CA MET B 143 5.36 7.39 -18.34
C MET B 143 4.20 6.65 -18.93
N ILE B 144 3.67 7.20 -20.02
CA ILE B 144 2.34 6.82 -20.55
C ILE B 144 2.36 6.67 -22.06
N GLU B 145 1.82 5.55 -22.54
CA GLU B 145 1.54 5.40 -23.97
C GLU B 145 0.23 6.13 -24.28
N VAL B 146 0.14 6.66 -25.49
CA VAL B 146 -0.97 7.55 -25.89
C VAL B 146 -2.33 7.17 -25.28
N ASP B 147 -2.74 5.93 -25.47
CA ASP B 147 -4.07 5.48 -25.06
C ASP B 147 -4.24 5.15 -23.57
N GLU B 148 -3.33 5.62 -22.72
CA GLU B 148 -3.56 5.58 -21.27
C GLU B 148 -4.07 6.95 -20.81
N LEU B 149 -4.11 7.90 -21.74
CA LEU B 149 -4.50 9.25 -21.38
C LEU B 149 -5.85 9.30 -20.69
N PRO B 150 -6.88 8.58 -21.23
CA PRO B 150 -8.18 8.56 -20.56
C PRO B 150 -8.05 8.25 -19.07
N SER B 151 -7.27 7.24 -18.69
CA SER B 151 -7.09 6.91 -17.29
C SER B 151 -6.43 8.07 -16.54
N LEU B 152 -5.43 8.69 -17.17
CA LEU B 152 -4.71 9.74 -16.49
C LEU B 152 -5.62 10.94 -16.31
N MET B 153 -6.50 11.14 -17.27
CA MET B 153 -7.52 12.17 -17.18
C MET B 153 -8.44 11.92 -15.96
N LYS B 154 -8.73 10.65 -15.68
CA LYS B 154 -9.57 10.34 -14.55
C LYS B 154 -8.82 10.55 -13.26
N ILE B 155 -7.55 10.15 -13.23
CA ILE B 155 -6.72 10.32 -12.05
C ILE B 155 -6.66 11.80 -11.69
N GLN B 156 -6.55 12.64 -12.72
CA GLN B 156 -6.45 14.07 -12.49
C GLN B 156 -7.73 14.67 -11.94
N ASP B 157 -8.88 14.25 -12.48
CA ASP B 157 -10.14 14.78 -12.05
C ASP B 157 -10.32 14.35 -10.62
N HIS B 158 -9.89 13.13 -10.32
CA HIS B 158 -10.14 12.55 -9.02
C HIS B 158 -9.49 13.31 -7.90
N PHE B 159 -8.31 13.86 -8.16
CA PHE B 159 -7.55 14.57 -7.14
C PHE B 159 -7.57 16.08 -7.28
N ASN B 160 -8.37 16.57 -8.25
CA ASN B 160 -8.36 17.95 -8.67
C ASN B 160 -6.98 18.57 -8.61
N SER B 161 -6.01 17.87 -9.17
CA SER B 161 -4.68 18.43 -9.26
C SER B 161 -4.16 18.10 -10.64
N SER B 162 -3.66 19.12 -11.32
CA SER B 162 -3.28 19.00 -12.72
C SER B 162 -1.96 18.28 -12.89
N ILE B 163 -1.93 17.33 -13.83
CA ILE B 163 -0.72 16.63 -14.22
C ILE B 163 -0.28 17.17 -15.58
N LYS B 164 0.76 17.99 -15.58
CA LYS B 164 1.24 18.67 -16.80
C LYS B 164 2.03 17.78 -17.77
N GLN B 165 2.11 18.19 -19.03
CA GLN B 165 2.75 17.37 -20.05
C GLN B 165 4.17 17.81 -20.38
N LEU B 166 5.02 16.83 -20.63
CA LEU B 166 6.39 17.05 -21.08
C LEU B 166 6.78 16.17 -22.28
N ASN B 167 7.75 16.60 -23.06
CA ASN B 167 8.29 15.76 -24.14
C ASN B 167 9.80 15.58 -23.98
N ALA B 168 10.45 15.06 -25.01
CA ALA B 168 11.92 15.02 -25.10
C ALA B 168 12.56 16.43 -25.14
N GLU B 169 12.31 17.18 -24.07
CA GLU B 169 12.74 18.58 -23.90
C GLU B 169 12.25 19.02 -22.52
N ASP B 170 13.10 18.89 -21.51
CA ASP B 170 12.70 19.18 -20.13
C ASP B 170 13.05 20.60 -19.68
N MET B 171 12.07 21.28 -19.12
CA MET B 171 12.24 22.65 -18.62
C MET B 171 11.48 22.87 -17.31
N ASP B 172 12.24 23.23 -16.27
CA ASP B 172 11.70 23.60 -14.94
C ASP B 172 12.82 23.96 -13.94
CL CL C . 5.67 6.05 5.39
CL CL D . -15.95 -4.04 -3.94
S SO4 E . -1.44 14.88 12.62
O1 SO4 E . -1.89 14.70 11.23
O2 SO4 E . -1.73 13.70 13.43
O3 SO4 E . -2.13 16.03 13.20
O4 SO4 E . 0.01 15.12 12.59
ZN ZN F . 1.29 1.06 1.60
S SO4 G . 16.06 3.50 9.77
O1 SO4 G . 16.20 4.44 8.65
O2 SO4 G . 15.69 2.16 9.30
O3 SO4 G . 15.03 3.97 10.70
O4 SO4 G . 17.34 3.41 10.45
#